data_2J9B
#
_entry.id   2J9B
#
_cell.length_a   69.558
_cell.length_b   69.558
_cell.length_c   123.374
_cell.angle_alpha   90.00
_cell.angle_beta   90.00
_cell.angle_gamma   120.00
#
_symmetry.space_group_name_H-M   'P 31 2 1'
#
loop_
_entity.id
_entity.type
_entity.pdbx_description
1 polymer "CYTOCHROME C'"
2 non-polymer 'HEME C'
3 water water
#
_entity_poly.entity_id   1
_entity_poly.type   'polypeptide(L)'
_entity_poly.pdbx_seq_one_letter_code
;QFQKPGDAIEYRQSAFTLIANHFGRVAAMAQGKAPFDAKVAAENIALVSTLSKLPLTAFGPGTDKGHGTEAKPAVWSDAA
GFKAAADKFAAAVDKLDAAGKTGDFAQIKAAVGETGGACKGCHDKFKEK
;
_entity_poly.pdbx_strand_id   A,B
#
loop_
_chem_comp.id
_chem_comp.type
_chem_comp.name
_chem_comp.formula
HEC non-polymer 'HEME C' 'C34 H34 Fe N4 O4'
#
# COMPACT_ATOMS: atom_id res chain seq x y z
CA GLN A 1 3.87 -8.76 -12.09
C GLN A 1 4.47 -9.36 -10.84
N PHE A 2 4.20 -10.65 -10.62
CA PHE A 2 4.74 -11.41 -9.51
C PHE A 2 5.67 -12.49 -10.02
N GLN A 3 6.95 -12.38 -9.67
CA GLN A 3 7.98 -13.34 -10.10
C GLN A 3 7.69 -14.74 -9.60
N LYS A 4 7.37 -14.84 -8.32
CA LYS A 4 7.05 -16.11 -7.65
C LYS A 4 5.67 -15.95 -7.02
N PRO A 5 4.90 -17.03 -6.89
CA PRO A 5 3.56 -16.97 -6.29
C PRO A 5 3.55 -16.41 -4.86
N GLY A 6 4.60 -16.65 -4.08
CA GLY A 6 4.77 -16.02 -2.78
C GLY A 6 4.74 -14.50 -2.83
N ASP A 7 5.26 -13.93 -3.92
CA ASP A 7 5.24 -12.49 -4.09
C ASP A 7 3.80 -11.99 -4.20
N ALA A 8 2.93 -12.70 -4.90
CA ALA A 8 1.50 -12.35 -4.93
C ALA A 8 0.88 -12.39 -3.56
N ILE A 9 1.18 -13.42 -2.78
CA ILE A 9 0.60 -13.56 -1.46
C ILE A 9 1.05 -12.42 -0.56
N GLU A 10 2.35 -12.15 -0.53
CA GLU A 10 2.83 -11.08 0.34
C GLU A 10 2.23 -9.73 -0.10
N TYR A 11 2.08 -9.54 -1.40
CA TYR A 11 1.51 -8.30 -1.96
C TYR A 11 0.09 -8.12 -1.51
N ARG A 12 -0.76 -9.13 -1.65
CA ARG A 12 -2.16 -8.94 -1.31
C ARG A 12 -2.31 -8.74 0.19
N GLN A 13 -1.59 -9.51 1.00
CA GLN A 13 -1.61 -9.34 2.44
C GLN A 13 -1.23 -7.92 2.82
N SER A 14 -0.15 -7.43 2.21
CA SER A 14 0.33 -6.07 2.47
C SER A 14 -0.73 -5.01 2.12
N ALA A 15 -1.35 -5.16 0.95
CA ALA A 15 -2.39 -4.20 0.57
C ALA A 15 -3.56 -4.23 1.53
N PHE A 16 -4.00 -5.43 1.95
CA PHE A 16 -5.08 -5.53 2.90
C PHE A 16 -4.72 -4.86 4.22
N THR A 17 -3.50 -5.03 4.70
CA THR A 17 -3.06 -4.38 5.93
C THR A 17 -3.14 -2.88 5.82
N LEU A 18 -2.69 -2.31 4.70
CA LEU A 18 -2.78 -0.85 4.56
C LEU A 18 -4.22 -0.39 4.44
N ILE A 19 -5.04 -1.13 3.70
CA ILE A 19 -6.47 -0.82 3.56
C ILE A 19 -7.11 -0.81 4.95
N ALA A 20 -6.83 -1.85 5.74
CA ALA A 20 -7.48 -1.94 7.06
C ALA A 20 -7.08 -0.76 7.94
N ASN A 21 -5.82 -0.35 7.87
CA ASN A 21 -5.38 0.76 8.71
C ASN A 21 -6.06 2.06 8.32
N HIS A 22 -6.04 2.39 7.04
CA HIS A 22 -6.61 3.67 6.62
C HIS A 22 -8.13 3.68 6.70
N PHE A 23 -8.77 2.55 6.38
CA PHE A 23 -10.21 2.43 6.54
C PHE A 23 -10.59 2.57 8.00
N GLY A 24 -9.77 1.98 8.88
CA GLY A 24 -10.04 2.09 10.31
C GLY A 24 -10.03 3.52 10.82
N ARG A 25 -9.19 4.35 10.23
CA ARG A 25 -9.19 5.75 10.63
C ARG A 25 -10.47 6.45 10.26
N VAL A 26 -11.02 6.14 9.10
CA VAL A 26 -12.29 6.70 8.69
C VAL A 26 -13.41 6.18 9.57
N ALA A 27 -13.39 4.87 9.81
CA ALA A 27 -14.39 4.25 10.69
C ALA A 27 -14.38 4.88 12.08
N ALA A 28 -13.20 5.20 12.61
CA ALA A 28 -13.14 5.82 13.94
C ALA A 28 -13.87 7.15 13.96
N MET A 29 -13.74 7.94 12.90
CA MET A 29 -14.52 9.17 12.81
C MET A 29 -16.03 8.89 12.66
N ALA A 30 -16.40 7.91 11.86
CA ALA A 30 -17.83 7.58 11.64
C ALA A 30 -18.49 7.12 12.94
N GLN A 31 -17.71 6.45 13.79
CA GLN A 31 -18.21 5.91 15.06
C GLN A 31 -18.17 6.97 16.16
N GLY A 32 -17.62 8.13 15.86
CA GLY A 32 -17.49 9.17 16.88
C GLY A 32 -16.40 8.89 17.92
N LYS A 33 -15.39 8.07 17.59
CA LYS A 33 -14.26 7.79 18.47
C LYS A 33 -13.14 8.85 18.29
N ALA A 34 -13.16 9.58 17.18
CA ALA A 34 -12.21 10.66 16.86
C ALA A 34 -13.04 11.79 16.30
N PRO A 35 -12.67 13.06 16.56
CA PRO A 35 -13.43 14.15 15.96
C PRO A 35 -13.41 14.08 14.44
N PHE A 36 -14.50 14.48 13.83
CA PHE A 36 -14.59 14.46 12.38
C PHE A 36 -13.78 15.59 11.82
N ASP A 37 -12.94 15.25 10.84
CA ASP A 37 -12.20 16.25 10.08
C ASP A 37 -12.35 15.80 8.63
N ALA A 38 -13.11 16.56 7.86
CA ALA A 38 -13.47 16.17 6.51
C ALA A 38 -12.24 16.04 5.59
N LYS A 39 -11.25 16.90 5.80
CA LYS A 39 -10.02 16.84 5.03
C LYS A 39 -9.25 15.57 5.28
N VAL A 40 -9.08 15.25 6.55
CA VAL A 40 -8.36 14.02 6.94
C VAL A 40 -9.16 12.77 6.50
N ALA A 41 -10.47 12.78 6.72
CA ALA A 41 -11.29 11.70 6.21
C ALA A 41 -11.15 11.49 4.72
N ALA A 42 -11.17 12.58 3.97
CA ALA A 42 -11.02 12.53 2.52
C ALA A 42 -9.67 11.95 2.14
N GLU A 43 -8.61 12.33 2.84
CA GLU A 43 -7.26 11.79 2.58
C GLU A 43 -7.20 10.28 2.80
N ASN A 44 -7.77 9.82 3.90
CA ASN A 44 -7.78 8.39 4.18
C ASN A 44 -8.68 7.63 3.24
N ILE A 45 -9.82 8.20 2.86
CA ILE A 45 -10.69 7.57 1.86
C ILE A 45 -10.02 7.47 0.50
N ALA A 46 -9.30 8.51 0.11
CA ALA A 46 -8.58 8.49 -1.14
C ALA A 46 -7.56 7.37 -1.19
N LEU A 47 -6.88 7.17 -0.07
CA LEU A 47 -5.88 6.07 0.04
CA LEU A 47 -5.91 6.10 -0.01
C LEU A 47 -6.59 4.72 -0.01
N VAL A 48 -7.69 4.57 0.72
CA VAL A 48 -8.44 3.32 0.68
C VAL A 48 -8.87 3.03 -0.75
N SER A 49 -9.37 4.04 -1.46
CA SER A 49 -9.81 3.83 -2.83
C SER A 49 -8.68 3.36 -3.73
N THR A 50 -7.54 4.04 -3.63
CA THR A 50 -6.37 3.64 -4.42
C THR A 50 -5.95 2.20 -4.09
N LEU A 51 -5.81 1.91 -2.81
CA LEU A 51 -5.32 0.61 -2.38
C LEU A 51 -6.28 -0.51 -2.71
N SER A 52 -7.59 -0.20 -2.72
CA SER A 52 -8.63 -1.19 -2.89
C SER A 52 -8.56 -1.86 -4.22
N LYS A 53 -7.88 -1.19 -5.18
CA LYS A 53 -7.71 -1.69 -6.53
C LYS A 53 -6.55 -2.66 -6.68
N LEU A 54 -5.82 -2.88 -5.62
CA LEU A 54 -4.62 -3.71 -5.69
C LEU A 54 -4.73 -5.20 -5.27
N PRO A 55 -5.25 -5.51 -4.08
CA PRO A 55 -5.04 -6.91 -3.62
C PRO A 55 -5.75 -7.97 -4.44
N LEU A 56 -6.88 -7.62 -5.04
CA LEU A 56 -7.71 -8.61 -5.72
C LEU A 56 -7.15 -8.92 -7.10
N THR A 57 -6.08 -8.21 -7.49
CA THR A 57 -5.29 -8.51 -8.67
C THR A 57 -4.21 -9.57 -8.44
N ALA A 58 -4.09 -10.03 -7.19
CA ALA A 58 -2.97 -10.87 -6.75
C ALA A 58 -3.43 -12.23 -6.25
N PHE A 59 -4.54 -12.70 -6.78
CA PHE A 59 -5.11 -14.06 -6.54
C PHE A 59 -5.15 -14.87 -7.83
N GLY A 60 -4.10 -14.77 -8.62
CA GLY A 60 -3.96 -15.52 -9.85
C GLY A 60 -3.75 -16.99 -9.67
N PRO A 61 -3.70 -17.73 -10.79
CA PRO A 61 -3.47 -19.14 -10.70
C PRO A 61 -2.19 -19.49 -9.96
N GLY A 62 -2.28 -20.49 -9.09
CA GLY A 62 -1.13 -20.97 -8.36
C GLY A 62 -0.67 -20.17 -7.20
N THR A 63 -1.44 -19.14 -6.85
CA THR A 63 -1.07 -18.29 -5.72
C THR A 63 -1.72 -18.71 -4.40
N ASP A 64 -2.03 -19.99 -4.26
CA ASP A 64 -2.52 -20.54 -3.04
C ASP A 64 -1.34 -21.04 -2.24
N LYS A 65 -0.13 -20.97 -2.82
CA LYS A 65 1.13 -21.25 -2.11
C LYS A 65 2.31 -20.39 -2.61
N GLY A 66 3.43 -20.52 -1.89
CA GLY A 66 4.67 -19.76 -2.12
C GLY A 66 5.03 -18.88 -0.92
N HIS A 67 4.08 -18.75 -0.01
CA HIS A 67 4.24 -18.00 1.24
C HIS A 67 3.07 -18.44 2.13
N GLY A 68 3.18 -18.21 3.43
CA GLY A 68 2.01 -18.43 4.36
C GLY A 68 0.81 -17.60 3.87
N THR A 69 -0.44 -18.13 3.95
CA THR A 69 -1.69 -17.53 3.45
C THR A 69 -2.96 -17.98 4.23
N GLU A 70 -3.95 -17.09 4.37
CA GLU A 70 -5.26 -17.39 4.91
C GLU A 70 -6.35 -17.43 3.84
N ALA A 71 -5.95 -17.43 2.56
CA ALA A 71 -6.92 -17.55 1.47
C ALA A 71 -7.47 -19.00 1.43
N LYS A 72 -8.79 -19.14 1.50
CA LYS A 72 -9.41 -20.47 1.49
C LYS A 72 -9.39 -21.03 0.06
N PRO A 73 -9.36 -22.38 -0.07
CA PRO A 73 -9.42 -22.94 -1.43
C PRO A 73 -10.58 -22.43 -2.28
N ALA A 74 -11.68 -22.07 -1.66
CA ALA A 74 -12.83 -21.56 -2.39
C ALA A 74 -12.54 -20.31 -3.22
N VAL A 75 -11.48 -19.56 -2.87
CA VAL A 75 -11.10 -18.44 -3.73
C VAL A 75 -10.95 -18.86 -5.17
N TRP A 76 -10.32 -20.03 -5.38
CA TRP A 76 -10.07 -20.60 -6.71
C TRP A 76 -11.17 -21.55 -7.17
N SER A 77 -11.72 -22.33 -6.27
CA SER A 77 -12.75 -23.29 -6.69
C SER A 77 -14.17 -22.73 -6.72
N ASP A 78 -14.38 -21.53 -6.17
CA ASP A 78 -15.64 -20.77 -6.34
C ASP A 78 -15.28 -19.40 -6.86
N ALA A 79 -14.72 -19.37 -8.05
CA ALA A 79 -14.24 -18.12 -8.63
C ALA A 79 -15.38 -17.11 -8.86
N ALA A 80 -16.58 -17.57 -9.25
CA ALA A 80 -17.70 -16.65 -9.44
C ALA A 80 -18.13 -15.99 -8.14
N GLY A 81 -18.11 -16.78 -7.06
CA GLY A 81 -18.39 -16.27 -5.74
C GLY A 81 -17.37 -15.23 -5.31
N PHE A 82 -16.11 -15.53 -5.57
CA PHE A 82 -15.06 -14.61 -5.16
C PHE A 82 -15.19 -13.30 -5.93
N LYS A 83 -15.45 -13.40 -7.22
CA LYS A 83 -15.66 -12.21 -8.08
C LYS A 83 -16.87 -11.40 -7.61
N ALA A 84 -17.95 -12.05 -7.22
CA ALA A 84 -19.13 -11.33 -6.73
C ALA A 84 -18.76 -10.57 -5.47
N ALA A 85 -18.00 -11.20 -4.60
CA ALA A 85 -17.57 -10.55 -3.37
C ALA A 85 -16.65 -9.35 -3.64
N ALA A 86 -15.80 -9.51 -4.64
CA ALA A 86 -14.87 -8.43 -5.03
C ALA A 86 -15.65 -7.28 -5.62
N ASP A 87 -16.63 -7.58 -6.47
CA ASP A 87 -17.46 -6.54 -7.07
C ASP A 87 -18.32 -5.81 -6.05
N LYS A 88 -18.81 -6.51 -5.06
CA LYS A 88 -19.58 -5.87 -3.98
C LYS A 88 -18.70 -4.87 -3.21
N PHE A 89 -17.46 -5.25 -2.97
CA PHE A 89 -16.51 -4.37 -2.32
C PHE A 89 -16.21 -3.17 -3.19
N ALA A 90 -15.95 -3.38 -4.48
CA ALA A 90 -15.59 -2.26 -5.34
C ALA A 90 -16.74 -1.25 -5.41
N ALA A 91 -17.96 -1.76 -5.46
CA ALA A 91 -19.12 -0.87 -5.47
C ALA A 91 -19.23 -0.01 -4.21
N ALA A 92 -18.97 -0.63 -3.07
CA ALA A 92 -19.02 0.05 -1.80
C ALA A 92 -17.91 1.10 -1.72
N VAL A 93 -16.72 0.75 -2.19
CA VAL A 93 -15.60 1.68 -2.18
C VAL A 93 -15.88 2.85 -3.09
N ASP A 94 -16.58 2.61 -4.20
CA ASP A 94 -16.98 3.69 -5.08
C ASP A 94 -17.84 4.72 -4.34
N LYS A 95 -18.76 4.23 -3.53
CA LYS A 95 -19.62 5.11 -2.73
C LYS A 95 -18.82 5.81 -1.65
N LEU A 96 -17.85 5.11 -1.05
CA LEU A 96 -17.00 5.74 -0.07
C LEU A 96 -16.21 6.87 -0.68
N ASP A 97 -15.62 6.62 -1.85
CA ASP A 97 -14.84 7.64 -2.58
C ASP A 97 -15.73 8.87 -2.80
N ALA A 98 -16.94 8.66 -3.31
CA ALA A 98 -17.84 9.78 -3.58
C ALA A 98 -18.15 10.54 -2.30
N ALA A 99 -18.35 9.81 -1.21
CA ALA A 99 -18.65 10.44 0.07
C ALA A 99 -17.48 11.27 0.60
N GLY A 100 -16.25 10.78 0.42
CA GLY A 100 -15.07 11.54 0.80
C GLY A 100 -14.98 12.87 0.09
N LYS A 101 -15.39 12.89 -1.17
CA LYS A 101 -15.37 14.12 -1.96
C LYS A 101 -16.47 15.09 -1.54
N THR A 102 -17.59 14.62 -1.03
CA THR A 102 -18.64 15.57 -0.56
C THR A 102 -18.33 16.13 0.80
N GLY A 103 -17.59 15.38 1.62
CA GLY A 103 -17.36 15.71 3.03
C GLY A 103 -18.59 15.54 3.92
N ASP A 104 -19.67 14.95 3.39
CA ASP A 104 -20.91 14.80 4.18
C ASP A 104 -20.75 13.64 5.15
N PHE A 105 -20.81 13.95 6.44
CA PHE A 105 -20.64 12.97 7.50
C PHE A 105 -21.59 11.78 7.30
N ALA A 106 -22.87 12.06 7.02
CA ALA A 106 -23.83 10.99 6.93
C ALA A 106 -23.51 10.09 5.75
N GLN A 107 -23.11 10.68 4.63
CA GLN A 107 -22.77 9.89 3.44
C GLN A 107 -21.51 9.05 3.68
N ILE A 108 -20.52 9.61 4.36
CA ILE A 108 -19.32 8.86 4.76
C ILE A 108 -19.69 7.69 5.67
N LYS A 109 -20.50 7.96 6.69
CA LYS A 109 -20.87 6.93 7.62
C LYS A 109 -21.62 5.79 6.94
N ALA A 110 -22.56 6.13 6.05
CA ALA A 110 -23.33 5.10 5.36
C ALA A 110 -22.37 4.24 4.52
N ALA A 111 -21.43 4.88 3.82
CA ALA A 111 -20.49 4.17 2.96
C ALA A 111 -19.49 3.35 3.79
N VAL A 112 -19.10 3.82 4.96
CA VAL A 112 -18.29 3.01 5.89
C VAL A 112 -19.02 1.70 6.24
N GLY A 113 -20.31 1.81 6.48
CA GLY A 113 -21.07 0.61 6.80
C GLY A 113 -21.12 -0.38 5.66
N GLU A 114 -21.40 0.13 4.47
CA GLU A 114 -21.50 -0.73 3.29
C GLU A 114 -20.15 -1.35 2.99
N THR A 115 -19.09 -0.55 3.09
CA THR A 115 -17.75 -1.08 2.82
C THR A 115 -17.36 -2.16 3.81
N GLY A 116 -17.57 -1.91 5.10
CA GLY A 116 -17.25 -2.90 6.13
C GLY A 116 -18.05 -4.18 5.96
N GLY A 117 -19.31 -4.06 5.54
CA GLY A 117 -20.12 -5.24 5.22
C GLY A 117 -19.52 -6.08 4.10
N ALA A 118 -18.91 -5.39 3.14
CA ALA A 118 -18.27 -6.09 2.03
C ALA A 118 -16.98 -6.80 2.46
N CYS A 119 -16.21 -6.20 3.36
CA CYS A 119 -15.04 -6.88 3.92
C CYS A 119 -15.49 -8.19 4.57
N LYS A 120 -16.49 -8.08 5.42
CA LYS A 120 -16.92 -9.20 6.23
C LYS A 120 -17.52 -10.27 5.37
N GLY A 121 -18.32 -9.87 4.39
CA GLY A 121 -18.96 -10.82 3.47
C GLY A 121 -17.95 -11.66 2.75
N CYS A 122 -16.87 -11.03 2.28
CA CYS A 122 -15.85 -11.80 1.59
C CYS A 122 -15.12 -12.70 2.60
N HIS A 123 -14.73 -12.19 3.74
CA HIS A 123 -13.99 -12.99 4.70
C HIS A 123 -14.74 -14.20 5.16
N ASP A 124 -16.04 -14.04 5.37
CA ASP A 124 -16.89 -15.16 5.85
C ASP A 124 -16.75 -16.36 4.94
N LYS A 125 -16.66 -16.13 3.63
CA LYS A 125 -16.64 -17.23 2.64
C LYS A 125 -15.23 -17.62 2.21
N PHE A 126 -14.28 -16.67 2.28
CA PHE A 126 -13.01 -16.84 1.59
C PHE A 126 -11.72 -16.67 2.39
N LYS A 127 -11.80 -16.25 3.64
CA LYS A 127 -10.62 -16.07 4.47
C LYS A 127 -10.70 -16.90 5.75
N GLN B 1 -2.27 6.08 12.83
CA GLN B 1 -2.59 5.62 14.24
C GLN B 1 -2.36 4.11 14.43
N PHE B 2 -1.42 3.77 15.30
CA PHE B 2 -1.06 2.38 15.58
C PHE B 2 -1.31 2.04 17.05
N GLN B 3 -2.20 1.07 17.29
CA GLN B 3 -2.63 0.68 18.65
C GLN B 3 -1.57 -0.08 19.43
N LYS B 4 -0.85 -0.97 18.74
CA LYS B 4 0.32 -1.65 19.30
C LYS B 4 1.54 -1.47 18.38
N PRO B 5 2.75 -1.69 18.92
CA PRO B 5 3.95 -1.66 18.07
C PRO B 5 3.90 -2.61 16.91
N GLY B 6 3.28 -3.79 17.12
CA GLY B 6 3.15 -4.75 16.05
C GLY B 6 2.41 -4.15 14.88
N ASP B 7 1.46 -3.27 15.14
CA ASP B 7 0.69 -2.67 14.05
C ASP B 7 1.57 -1.75 13.20
N ALA B 8 2.43 -0.96 13.83
CA ALA B 8 3.36 -0.10 13.10
C ALA B 8 4.30 -0.93 12.24
N ILE B 9 4.84 -2.01 12.79
CA ILE B 9 5.82 -2.83 12.12
C ILE B 9 5.17 -3.51 10.89
N GLU B 10 3.99 -4.10 11.07
CA GLU B 10 3.31 -4.74 9.96
C GLU B 10 2.93 -3.71 8.89
N TYR B 11 2.54 -2.51 9.31
CA TYR B 11 2.19 -1.46 8.36
C TYR B 11 3.38 -1.05 7.52
N ARG B 12 4.51 -0.75 8.15
CA ARG B 12 5.66 -0.29 7.39
C ARG B 12 6.17 -1.37 6.45
N GLN B 13 6.25 -2.61 6.94
CA GLN B 13 6.63 -3.75 6.10
C GLN B 13 5.71 -3.85 4.88
N SER B 14 4.42 -3.75 5.12
CA SER B 14 3.43 -3.85 4.06
C SER B 14 3.64 -2.75 3.00
N ALA B 15 3.86 -1.52 3.46
CA ALA B 15 4.05 -0.44 2.52
C ALA B 15 5.32 -0.63 1.71
N PHE B 16 6.42 -1.04 2.36
CA PHE B 16 7.64 -1.35 1.62
C PHE B 16 7.45 -2.45 0.56
N THR B 17 6.71 -3.49 0.91
CA THR B 17 6.41 -4.56 -0.06
C THR B 17 5.70 -4.01 -1.30
N LEU B 18 4.69 -3.17 -1.10
CA LEU B 18 3.96 -2.62 -2.25
C LEU B 18 4.83 -1.66 -3.05
N ILE B 19 5.62 -0.85 -2.36
CA ILE B 19 6.59 0.05 -3.02
C ILE B 19 7.51 -0.78 -3.90
N ALA B 20 8.09 -1.83 -3.34
CA ALA B 20 9.04 -2.63 -4.08
C ALA B 20 8.40 -3.24 -5.34
N ASN B 21 7.17 -3.72 -5.22
CA ASN B 21 6.53 -4.32 -6.38
C ASN B 21 6.28 -3.30 -7.49
N HIS B 22 5.68 -2.18 -7.14
CA HIS B 22 5.37 -1.20 -8.17
C HIS B 22 6.62 -0.53 -8.74
N PHE B 23 7.58 -0.24 -7.88
CA PHE B 23 8.87 0.31 -8.35
C PHE B 23 9.54 -0.68 -9.30
N GLY B 24 9.49 -1.97 -8.99
CA GLY B 24 10.11 -2.95 -9.83
C GLY B 24 9.48 -3.05 -11.21
N ARG B 25 8.20 -2.76 -11.32
CA ARG B 25 7.58 -2.74 -12.63
C ARG B 25 8.16 -1.63 -13.51
N VAL B 26 8.38 -0.46 -12.91
CA VAL B 26 9.00 0.65 -13.61
C VAL B 26 10.44 0.33 -13.95
N ALA B 27 11.16 -0.23 -12.98
CA ALA B 27 12.58 -0.59 -13.18
C ALA B 27 12.78 -1.56 -14.31
N ALA B 28 11.86 -2.49 -14.46
CA ALA B 28 11.96 -3.46 -15.55
C ALA B 28 11.93 -2.80 -16.94
N MET B 29 11.09 -1.79 -17.10
CA MET B 29 11.08 -1.00 -18.33
C MET B 29 12.39 -0.24 -18.50
N ALA B 30 12.80 0.44 -17.44
CA ALA B 30 13.98 1.28 -17.47
C ALA B 30 15.24 0.51 -17.81
N GLN B 31 15.30 -0.72 -17.31
CA GLN B 31 16.48 -1.54 -17.47
C GLN B 31 16.47 -2.30 -18.79
N GLY B 32 15.43 -2.13 -19.59
CA GLY B 32 15.36 -2.80 -20.92
C GLY B 32 14.98 -4.27 -20.83
N LYS B 33 14.28 -4.65 -19.75
CA LYS B 33 13.81 -6.01 -19.50
C LYS B 33 12.32 -6.19 -19.83
N ALA B 34 11.62 -5.11 -20.12
CA ALA B 34 10.24 -5.16 -20.55
C ALA B 34 10.00 -4.01 -21.52
N PRO B 35 9.04 -4.14 -22.44
CA PRO B 35 8.73 -3.01 -23.31
C PRO B 35 8.28 -1.79 -22.53
N PHE B 36 8.58 -0.64 -23.09
CA PHE B 36 8.23 0.62 -22.45
C PHE B 36 6.80 1.05 -22.77
N ASP B 37 6.00 1.26 -21.73
CA ASP B 37 4.64 1.79 -21.83
C ASP B 37 4.58 2.96 -20.86
N ALA B 38 4.56 4.18 -21.38
CA ALA B 38 4.65 5.39 -20.57
C ALA B 38 3.43 5.57 -19.67
N LYS B 39 2.25 5.22 -20.16
CA LYS B 39 1.05 5.33 -19.34
C LYS B 39 1.11 4.38 -18.13
N VAL B 40 1.51 3.13 -18.38
CA VAL B 40 1.66 2.15 -17.30
C VAL B 40 2.79 2.57 -16.35
N ALA B 41 3.94 3.00 -16.91
CA ALA B 41 5.02 3.50 -16.07
C ALA B 41 4.50 4.64 -15.16
N ALA B 42 3.75 5.58 -15.72
CA ALA B 42 3.21 6.69 -14.93
C ALA B 42 2.31 6.23 -13.80
N GLU B 43 1.47 5.25 -14.10
CA GLU B 43 0.55 4.71 -13.11
C GLU B 43 1.29 4.05 -11.96
N ASN B 44 2.32 3.28 -12.30
CA ASN B 44 3.12 2.66 -11.24
C ASN B 44 3.94 3.67 -10.45
N ILE B 45 4.49 4.68 -11.14
CA ILE B 45 5.21 5.76 -10.44
C ILE B 45 4.27 6.51 -9.51
N ALA B 46 3.05 6.81 -9.96
CA ALA B 46 2.09 7.51 -9.09
C ALA B 46 1.80 6.69 -7.82
N LEU B 47 1.71 5.38 -7.97
CA LEU B 47 1.50 4.50 -6.79
C LEU B 47 2.73 4.52 -5.89
N VAL B 48 3.92 4.41 -6.47
CA VAL B 48 5.13 4.52 -5.66
C VAL B 48 5.14 5.83 -4.90
N SER B 49 4.80 6.94 -5.55
CA SER B 49 4.79 8.23 -4.87
C SER B 49 3.81 8.28 -3.71
N THR B 50 2.59 7.80 -3.93
CA THR B 50 1.60 7.75 -2.87
C THR B 50 2.09 6.87 -1.72
N LEU B 51 2.58 5.69 -2.05
CA LEU B 51 3.00 4.74 -1.02
C LEU B 51 4.22 5.21 -0.26
N SER B 52 5.08 6.00 -0.93
CA SER B 52 6.38 6.36 -0.37
C SER B 52 6.23 7.19 0.83
N LYS B 53 5.04 7.82 0.95
CA LYS B 53 4.71 8.72 2.00
C LYS B 53 4.21 8.02 3.28
N LEU B 54 4.13 6.70 3.26
CA LEU B 54 3.53 5.92 4.36
C LEU B 54 4.49 5.23 5.36
N PRO B 55 5.46 4.43 4.89
CA PRO B 55 6.14 3.60 5.87
C PRO B 55 6.97 4.35 6.90
N LEU B 56 7.54 5.47 6.49
CA LEU B 56 8.49 6.18 7.35
C LEU B 56 7.70 6.98 8.44
N THR B 57 6.36 6.93 8.39
CA THR B 57 5.48 7.44 9.44
C THR B 57 5.24 6.42 10.58
N ALA B 58 5.79 5.21 10.43
CA ALA B 58 5.48 4.11 11.30
C ALA B 58 6.71 3.56 12.02
N PHE B 59 7.65 4.46 12.33
CA PHE B 59 8.84 4.14 13.11
C PHE B 59 8.87 4.94 14.39
N GLY B 60 7.75 4.95 15.09
CA GLY B 60 7.63 5.70 16.33
C GLY B 60 8.35 5.03 17.48
N PRO B 61 8.37 5.71 18.63
CA PRO B 61 9.10 5.12 19.74
C PRO B 61 8.48 3.81 20.16
N GLY B 62 9.33 2.86 20.57
CA GLY B 62 8.88 1.57 21.02
C GLY B 62 8.46 0.58 19.95
N THR B 63 8.72 0.90 18.70
CA THR B 63 8.36 0.02 17.59
C THR B 63 9.58 -0.66 17.04
N ASP B 64 10.57 -0.88 17.90
CA ASP B 64 11.87 -1.38 17.53
C ASP B 64 12.10 -2.85 17.70
N LYS B 65 11.16 -3.56 18.30
CA LYS B 65 11.38 -4.97 18.58
C LYS B 65 10.14 -5.76 18.29
N GLY B 66 10.38 -7.02 17.96
CA GLY B 66 9.34 -7.99 17.79
C GLY B 66 8.72 -7.93 16.41
N HIS B 67 7.77 -8.83 16.21
CA HIS B 67 6.90 -8.81 15.04
C HIS B 67 7.67 -8.93 13.72
N GLY B 68 8.81 -9.57 13.77
CA GLY B 68 9.62 -9.82 12.62
C GLY B 68 10.39 -8.61 12.13
N THR B 69 10.54 -7.59 12.94
CA THR B 69 11.19 -6.40 12.43
C THR B 69 12.65 -6.61 12.04
N GLU B 70 13.07 -5.98 10.96
CA GLU B 70 14.43 -5.94 10.48
C GLU B 70 15.00 -4.54 10.60
N ALA B 71 14.33 -3.63 11.30
CA ALA B 71 14.86 -2.32 11.54
C ALA B 71 16.01 -2.39 12.53
N LYS B 72 17.16 -1.80 12.20
CA LYS B 72 18.30 -1.75 13.12
C LYS B 72 18.08 -0.74 14.23
N PRO B 73 18.69 -0.96 15.42
CA PRO B 73 18.59 0.01 16.48
C PRO B 73 18.97 1.44 16.11
N ALA B 74 19.89 1.58 15.15
CA ALA B 74 20.31 2.89 14.65
C ALA B 74 19.17 3.76 14.10
N VAL B 75 18.06 3.14 13.67
CA VAL B 75 16.89 3.92 13.30
C VAL B 75 16.47 4.89 14.39
N TRP B 76 16.58 4.46 15.66
CA TRP B 76 16.22 5.29 16.82
C TRP B 76 17.43 5.99 17.48
N SER B 77 18.58 5.36 17.46
CA SER B 77 19.76 5.98 18.10
C SER B 77 20.45 7.02 17.23
N ASP B 78 20.19 6.94 15.93
CA ASP B 78 20.68 7.91 14.93
C ASP B 78 19.46 8.37 14.18
N ALA B 79 18.51 8.96 14.90
CA ALA B 79 17.28 9.42 14.30
C ALA B 79 17.56 10.44 13.19
N ALA B 80 18.55 11.30 13.37
CA ALA B 80 18.82 12.32 12.34
C ALA B 80 19.34 11.66 11.09
N GLY B 81 20.15 10.62 11.22
CA GLY B 81 20.63 9.88 10.06
C GLY B 81 19.52 9.16 9.32
N PHE B 82 18.60 8.61 10.06
CA PHE B 82 17.46 7.94 9.46
C PHE B 82 16.59 8.95 8.72
N LYS B 83 16.35 10.10 9.32
CA LYS B 83 15.60 11.18 8.67
C LYS B 83 16.33 11.66 7.40
N ALA B 84 17.64 11.77 7.43
CA ALA B 84 18.39 12.15 6.25
C ALA B 84 18.23 11.12 5.12
N ALA B 85 18.28 9.86 5.46
CA ALA B 85 18.07 8.79 4.48
C ALA B 85 16.64 8.83 3.94
N ALA B 86 15.67 9.10 4.79
CA ALA B 86 14.28 9.28 4.36
C ALA B 86 14.10 10.49 3.44
N ASP B 87 14.73 11.61 3.77
CA ASP B 87 14.65 12.81 2.96
C ASP B 87 15.32 12.58 1.60
N LYS B 88 16.39 11.82 1.58
CA LYS B 88 17.08 11.47 0.31
C LYS B 88 16.14 10.68 -0.58
N PHE B 89 15.45 9.73 0.04
CA PHE B 89 14.45 8.95 -0.67
C PHE B 89 13.32 9.81 -1.19
N ALA B 90 12.76 10.67 -0.33
CA ALA B 90 11.68 11.55 -0.75
C ALA B 90 12.07 12.41 -1.93
N ALA B 91 13.29 12.95 -1.90
CA ALA B 91 13.76 13.78 -3.00
C ALA B 91 13.88 12.97 -4.28
N ALA B 92 14.35 11.74 -4.19
CA ALA B 92 14.45 10.86 -5.35
C ALA B 92 13.06 10.52 -5.88
N VAL B 93 12.11 10.27 -5.00
CA VAL B 93 10.74 10.00 -5.42
C VAL B 93 10.13 11.23 -6.09
N ASP B 94 10.47 12.44 -5.64
CA ASP B 94 10.01 13.66 -6.32
C ASP B 94 10.50 13.63 -7.77
N LYS B 95 11.76 13.23 -7.99
CA LYS B 95 12.30 13.15 -9.35
C LYS B 95 11.64 12.06 -10.18
N LEU B 96 11.31 10.96 -9.53
CA LEU B 96 10.62 9.87 -10.20
C LEU B 96 9.21 10.30 -10.62
N ASP B 97 8.50 11.01 -9.72
CA ASP B 97 7.21 11.58 -10.04
C ASP B 97 7.29 12.50 -11.25
N ALA B 98 8.28 13.40 -11.26
CA ALA B 98 8.47 14.33 -12.39
C ALA B 98 8.65 13.54 -13.68
N ALA B 99 9.43 12.47 -13.62
CA ALA B 99 9.71 11.62 -14.78
C ALA B 99 8.43 10.92 -15.27
N GLY B 100 7.62 10.41 -14.34
CA GLY B 100 6.36 9.81 -14.75
C GLY B 100 5.44 10.79 -15.47
N LYS B 101 5.45 12.05 -15.03
CA LYS B 101 4.67 13.11 -15.64
C LYS B 101 5.14 13.36 -17.07
N THR B 102 6.43 13.45 -17.30
CA THR B 102 6.88 13.74 -18.67
C THR B 102 6.78 12.55 -19.63
N GLY B 103 6.83 11.33 -19.12
CA GLY B 103 6.89 10.15 -19.96
C GLY B 103 8.25 9.89 -20.58
N ASP B 104 9.25 10.68 -20.24
CA ASP B 104 10.57 10.64 -20.91
C ASP B 104 11.32 9.43 -20.41
N PHE B 105 11.58 8.49 -21.30
CA PHE B 105 12.22 7.25 -20.92
C PHE B 105 13.56 7.52 -20.23
N ALA B 106 14.39 8.38 -20.81
CA ALA B 106 15.72 8.64 -20.24
C ALA B 106 15.61 9.26 -18.86
N GLN B 107 14.65 10.13 -18.66
CA GLN B 107 14.43 10.73 -17.35
C GLN B 107 13.91 9.71 -16.35
N ILE B 108 13.03 8.82 -16.77
CA ILE B 108 12.56 7.71 -15.93
C ILE B 108 13.72 6.81 -15.53
N LYS B 109 14.56 6.44 -16.49
CA LYS B 109 15.67 5.55 -16.21
C LYS B 109 16.62 6.19 -15.20
N ALA B 110 16.91 7.47 -15.38
CA ALA B 110 17.77 8.19 -14.43
C ALA B 110 17.16 8.18 -13.03
N ALA B 111 15.87 8.43 -12.96
CA ALA B 111 15.18 8.49 -11.65
C ALA B 111 15.12 7.12 -11.02
N VAL B 112 14.95 6.08 -11.81
CA VAL B 112 14.97 4.71 -11.27
C VAL B 112 16.32 4.42 -10.61
N GLY B 113 17.43 4.82 -11.27
CA GLY B 113 18.72 4.61 -10.68
C GLY B 113 18.90 5.37 -9.37
N GLU B 114 18.45 6.61 -9.36
CA GLU B 114 18.58 7.47 -8.19
C GLU B 114 17.73 6.95 -7.03
N THR B 115 16.50 6.60 -7.33
CA THR B 115 15.60 6.07 -6.31
C THR B 115 16.12 4.76 -5.75
N GLY B 116 16.57 3.86 -6.63
CA GLY B 116 17.13 2.61 -6.18
C GLY B 116 18.31 2.82 -5.25
N GLY B 117 19.14 3.82 -5.56
CA GLY B 117 20.28 4.14 -4.70
C GLY B 117 19.85 4.61 -3.33
N ALA B 118 18.73 5.34 -3.26
CA ALA B 118 18.16 5.78 -1.98
C ALA B 118 17.63 4.59 -1.15
N CYS B 119 17.00 3.59 -1.79
CA CYS B 119 16.58 2.38 -1.07
C CYS B 119 17.82 1.73 -0.46
N LYS B 120 18.83 1.50 -1.32
CA LYS B 120 20.02 0.77 -0.89
C LYS B 120 20.78 1.55 0.18
N GLY B 121 20.88 2.86 0.07
CA GLY B 121 21.61 3.65 1.05
C GLY B 121 20.97 3.58 2.41
N CYS B 122 19.64 3.58 2.47
CA CYS B 122 18.99 3.45 3.75
C CYS B 122 19.14 2.04 4.30
N HIS B 123 18.94 1.02 3.46
CA HIS B 123 19.07 -0.36 3.91
C HIS B 123 20.45 -0.66 4.47
N ASP B 124 21.47 -0.19 3.79
CA ASP B 124 22.85 -0.43 4.21
C ASP B 124 23.07 0.00 5.66
N LYS B 125 22.50 1.14 6.05
CA LYS B 125 22.71 1.66 7.40
C LYS B 125 21.64 1.28 8.44
N PHE B 126 20.43 0.93 7.98
CA PHE B 126 19.28 0.86 8.87
C PHE B 126 18.46 -0.41 8.82
N LYS B 127 18.77 -1.32 7.90
CA LYS B 127 17.99 -2.55 7.74
C LYS B 127 18.89 -3.78 7.83
N GLU B 128 18.48 -4.76 8.63
CA GLU B 128 19.16 -6.06 8.63
C GLU B 128 18.92 -6.76 7.28
N LYS B 129 19.79 -7.36 6.62
FE HEC C . -9.56 -8.90 3.43
CHA HEC C . -6.79 -10.77 4.33
CHB HEC C . -8.71 -6.57 5.75
CHC HEC C . -11.86 -6.71 2.05
CHD HEC C . -10.37 -11.19 1.03
NA HEC C . -8.03 -8.71 4.76
C1A HEC C . -7.02 -9.60 5.01
C2A HEC C . -6.19 -9.10 6.08
C3A HEC C . -6.72 -7.93 6.49
C4A HEC C . -7.87 -7.67 5.66
CMA HEC C . -6.21 -6.96 7.56
CAA HEC C . -4.98 -9.81 6.69
CBA HEC C . -3.65 -9.44 6.04
CGA HEC C . -2.49 -10.07 6.79
O1A HEC C . -2.64 -10.54 7.96
O2A HEC C . -1.36 -10.08 6.26
NB HEC C . -10.15 -6.93 3.81
C1B HEC C . -9.74 -6.22 4.91
C2B HEC C . -10.56 -5.01 4.97
C3B HEC C . -11.42 -5.06 3.93
C4B HEC C . -11.18 -6.29 3.17
CMB HEC C . -10.49 -3.94 6.08
CAB HEC C . -12.50 -4.03 3.55
CBB HEC C . -12.19 -2.68 3.66
NC HEC C . -10.81 -8.92 1.86
C1C HEC C . -11.74 -7.96 1.48
C2C HEC C . -12.55 -8.41 0.38
C3C HEC C . -12.16 -9.69 0.08
C4C HEC C . -11.07 -10.01 1.01
CMC HEC C . -13.68 -7.58 -0.26
CAC HEC C . -12.71 -10.65 -1.01
CBC HEC C . -13.35 -10.12 -2.12
ND HEC C . -8.71 -10.64 2.77
C1D HEC C . -9.30 -11.48 1.80
C2D HEC C . -8.51 -12.68 1.69
C3D HEC C . -7.42 -12.56 2.68
C4D HEC C . -7.61 -11.27 3.33
CMD HEC C . -8.76 -13.88 0.79
CAD HEC C . -6.26 -13.54 2.91
CBD HEC C . -5.04 -13.09 2.06
CGD HEC C . -3.89 -14.08 2.21
O1D HEC C . -3.32 -14.51 1.19
O2D HEC C . -3.55 -14.42 3.39
FE HEC D . 13.07 -0.45 2.63
CHA HEC D . 12.08 -3.03 4.68
CHB HEC D . 11.94 -2.22 -0.09
CHC HEC D . 13.35 2.34 0.70
CHD HEC D . 14.12 1.35 5.37
NA HEC D . 12.17 -2.26 2.34
C1A HEC D . 11.88 -3.22 3.32
C2A HEC D . 11.31 -4.40 2.70
C3A HEC D . 11.27 -4.15 1.35
C4A HEC D . 11.81 -2.83 1.14
CMA HEC D . 10.77 -5.07 0.25
CAA HEC D . 10.90 -5.68 3.46
CAA HEC D . 10.85 -5.66 3.46
CBA HEC D . 9.43 -5.81 3.79
CBA HEC D . 9.53 -5.36 4.14
CGA HEC D . 9.13 -7.17 4.42
CGA HEC D . 8.89 -6.61 4.71
O1A HEC D . 9.91 -8.14 4.25
O1A HEC D . 9.33 -7.03 5.79
O2A HEC D . 8.07 -7.29 5.10
O2A HEC D . 7.94 -7.16 4.09
NB HEC D . 12.65 -0.02 0.66
C1B HEC D . 12.33 -0.93 -0.31
C2B HEC D . 12.42 -0.28 -1.62
C3B HEC D . 12.77 1.01 -1.36
C4B HEC D . 12.95 1.19 0.06
CMB HEC D . 12.15 -0.98 -2.95
CAB HEC D . 13.02 2.13 -2.38
CBB HEC D . 12.15 2.24 -3.49
NC HEC D . 13.61 1.49 3.00
C1C HEC D . 13.71 2.47 2.02
C2C HEC D . 14.22 3.67 2.64
C3C HEC D . 14.46 3.40 3.95
C4C HEC D . 14.06 2.03 4.17
CMC HEC D . 14.49 4.99 1.88
CAC HEC D . 15.05 4.32 5.05
CBC HEC D . 14.95 5.70 4.94
ND HEC D . 13.06 -0.80 4.70
C1D HEC D . 13.62 0.10 5.62
C2D HEC D . 13.59 -0.51 6.93
C3D HEC D . 12.97 -1.82 6.70
C4D HEC D . 12.65 -1.94 5.30
CMD HEC D . 14.11 0.08 8.23
CAD HEC D . 12.64 -2.85 7.79
CBD HEC D . 11.17 -2.65 8.22
CGD HEC D . 10.83 -3.60 9.36
O1D HEC D . 10.35 -3.12 10.42
O2D HEC D . 11.06 -4.82 9.22
#